data_4QZ9
#
_entry.id   4QZ9
#
_cell.length_a   56.936
_cell.length_b   74.720
_cell.length_c   126.357
_cell.angle_alpha   90.00
_cell.angle_beta   100.06
_cell.angle_gamma   90.00
#
_symmetry.space_group_name_H-M   'C 1 2 1'
#
loop_
_entity.id
_entity.type
_entity.pdbx_description
1 polymer 'DNA nucleotidylexotransferase'
2 polymer "5'-D(*AP*AP*AP*AP*AP*C)-3'"
3 polymer "5'-D(*TP*TP*TP*TP*TP*GP*A)-3'"
4 non-polymer 'MAGNESIUM ION'
5 non-polymer 'SODIUM ION'
6 non-polymer "2',3'-DIDEOXYCYTIDINE 5'-TRIPHOSPHATE"
7 water water
#
loop_
_entity_poly.entity_id
_entity_poly.type
_entity_poly.pdbx_seq_one_letter_code
_entity_poly.pdbx_strand_id
1 'polypeptide(L)'
;MGSSHHHHHHSSGLVPRGSHMSPSPVPGSQNVPAPAVKKISQYACQRRTTLNNYNQLFTDALDILAENDELRENEGSCLA
FMRASSVLKSLPFPITSMKDTEGIPCLGDKVKSIIEGIIEDGESSEAKAVLNDERYKSFKLFTSVFGVGLKTAEKWFRMG
FRTLSKIQSDKSLRFTQMQKAGFLYYEDLVSCVNRPEAEAVSMLVKEAVVTFLPDALVTMTGGFRRGKMTGHDVDFLITS
PEATEDEEQQLLHKVTDFWKQQGLLLYCDILESTFEKFKQPSRKVDALDHFQKCFLILKLDHGRVHSEKSGQQEGKGWKA
IRVDLVMCPYDRRAFALLGWTGSRQFERDLRRYATHERKMMLDNHALYDRTKRVFLEAESEEEIFAHLGLDYIEPWERNA
;
A
2 'polydeoxyribonucleotide' (DA)(DA)(DA)(DA)(DA)(DC) D,U
3 'polydeoxyribonucleotide' (DT)(DT)(DT)(DT)(DT)(DG)(DA) T
#
loop_
_chem_comp.id
_chem_comp.type
_chem_comp.name
_chem_comp.formula
DA DNA linking 2'-DEOXYADENOSINE-5'-MONOPHOSPHATE 'C10 H14 N5 O6 P'
DC DNA linking 2'-DEOXYCYTIDINE-5'-MONOPHOSPHATE 'C9 H14 N3 O7 P'
DCT DNA linking '2',3'-DIDEOXYCYTIDINE 5'-TRIPHOSPHATE' 'C9 H16 N3 O12 P3'
DG DNA linking 2'-DEOXYGUANOSINE-5'-MONOPHOSPHATE 'C10 H14 N5 O7 P'
DT DNA linking THYMIDINE-5'-MONOPHOSPHATE 'C10 H15 N2 O8 P'
MG non-polymer 'MAGNESIUM ION' 'Mg 2'
NA non-polymer 'SODIUM ION' 'Na 1'
#
# COMPACT_ATOMS: atom_id res chain seq x y z
N VAL A 37 -31.75 -12.00 -4.18
CA VAL A 37 -30.78 -11.06 -3.63
C VAL A 37 -29.39 -11.34 -4.19
N LYS A 38 -28.64 -10.26 -4.50
CA LYS A 38 -27.27 -10.34 -5.05
C LYS A 38 -26.30 -10.91 -4.01
N LYS A 39 -25.60 -12.00 -4.38
CA LYS A 39 -24.64 -12.66 -3.49
C LYS A 39 -23.28 -11.94 -3.49
N ILE A 40 -22.84 -11.46 -2.32
CA ILE A 40 -21.55 -10.80 -2.12
C ILE A 40 -20.43 -11.81 -2.35
N SER A 41 -19.48 -11.47 -3.20
CA SER A 41 -18.37 -12.36 -3.47
C SER A 41 -17.35 -12.37 -2.33
N GLN A 42 -16.66 -13.50 -2.17
CA GLN A 42 -15.58 -13.61 -1.17
C GLN A 42 -14.30 -12.84 -1.66
N TYR A 43 -14.26 -12.49 -2.94
CA TYR A 43 -13.12 -11.80 -3.55
C TYR A 43 -13.33 -10.31 -3.59
N ALA A 44 -12.36 -9.54 -3.06
CA ALA A 44 -12.43 -8.08 -3.09
C ALA A 44 -12.50 -7.52 -4.51
N CYS A 45 -11.91 -8.22 -5.50
CA CYS A 45 -11.92 -7.80 -6.92
C CYS A 45 -13.30 -7.97 -7.55
N GLN A 46 -14.27 -8.57 -6.84
CA GLN A 46 -15.66 -8.71 -7.29
C GLN A 46 -16.60 -7.88 -6.41
N ARG A 47 -16.03 -6.96 -5.62
CA ARG A 47 -16.78 -6.04 -4.75
C ARG A 47 -16.38 -4.61 -5.07
N ARG A 48 -17.29 -3.66 -4.88
CA ARG A 48 -17.01 -2.22 -5.03
C ARG A 48 -16.85 -1.67 -3.63
N THR A 49 -15.64 -1.19 -3.29
CA THR A 49 -15.37 -0.71 -1.94
C THR A 49 -14.92 0.74 -2.05
N THR A 50 -15.82 1.66 -1.67
CA THR A 50 -15.50 3.08 -1.67
C THR A 50 -15.03 3.42 -0.25
N LEU A 51 -14.60 4.66 0.01
CA LEU A 51 -14.07 5.05 1.33
C LEU A 51 -15.17 5.27 2.38
N ASN A 52 -16.44 5.23 1.96
CA ASN A 52 -17.63 5.39 2.81
C ASN A 52 -17.85 4.08 3.58
N ASN A 53 -17.16 3.94 4.69
CA ASN A 53 -17.26 2.76 5.55
C ASN A 53 -18.31 2.95 6.63
N TYR A 54 -19.41 2.16 6.54
CA TYR A 54 -20.53 2.22 7.51
C TYR A 54 -20.27 1.30 8.73
N ASN A 55 -19.18 0.54 8.71
CA ASN A 55 -18.90 -0.45 9.75
C ASN A 55 -17.54 -0.28 10.43
N GLN A 56 -17.06 0.97 10.57
CA GLN A 56 -15.75 1.26 11.17
C GLN A 56 -15.59 0.69 12.59
N LEU A 57 -16.68 0.60 13.39
CA LEU A 57 -16.60 0.04 14.74
C LEU A 57 -16.14 -1.44 14.68
N PHE A 58 -16.65 -2.18 13.68
CA PHE A 58 -16.28 -3.57 13.47
C PHE A 58 -14.92 -3.71 12.78
N THR A 59 -14.66 -2.92 11.72
CA THR A 59 -13.42 -3.04 10.93
C THR A 59 -12.20 -2.51 11.70
N ASP A 60 -12.36 -1.50 12.56
CA ASP A 60 -11.20 -1.05 13.35
C ASP A 60 -10.73 -2.18 14.29
N ALA A 61 -11.69 -2.90 14.90
CA ALA A 61 -11.40 -4.02 15.80
C ALA A 61 -10.77 -5.17 15.03
N LEU A 62 -11.34 -5.54 13.88
CA LEU A 62 -10.82 -6.61 13.03
C LEU A 62 -9.43 -6.32 12.50
N ASP A 63 -9.13 -5.03 12.16
CA ASP A 63 -7.80 -4.62 11.68
C ASP A 63 -6.76 -4.78 12.80
N ILE A 64 -7.14 -4.49 14.06
CA ILE A 64 -6.26 -4.64 15.22
C ILE A 64 -5.93 -6.13 15.44
N LEU A 65 -6.97 -6.99 15.39
CA LEU A 65 -6.80 -8.44 15.57
C LEU A 65 -5.92 -9.05 14.47
N ALA A 66 -6.09 -8.56 13.24
CA ALA A 66 -5.29 -9.00 12.09
C ALA A 66 -3.84 -8.61 12.29
N GLU A 67 -3.61 -7.38 12.74
CA GLU A 67 -2.28 -6.84 12.96
C GLU A 67 -1.54 -7.62 14.05
N ASN A 68 -2.25 -8.04 15.11
CA ASN A 68 -1.67 -8.86 16.17
C ASN A 68 -1.26 -10.25 15.64
N ASP A 69 -2.12 -10.87 14.81
CA ASP A 69 -1.79 -12.15 14.20
C ASP A 69 -0.61 -12.04 13.23
N GLU A 70 -0.43 -10.86 12.59
CA GLU A 70 0.70 -10.59 11.67
C GLU A 70 1.97 -10.58 12.47
N LEU A 71 1.95 -9.92 13.63
CA LEU A 71 3.06 -9.83 14.56
C LEU A 71 3.42 -11.21 15.13
N ARG A 72 2.41 -12.04 15.47
CA ARG A 72 2.60 -13.36 16.07
C ARG A 72 2.91 -14.42 14.97
N GLU A 73 3.09 -13.95 13.71
CA GLU A 73 3.39 -14.74 12.50
C GLU A 73 2.31 -15.81 12.23
N ASN A 74 1.06 -15.54 12.66
CA ASN A 74 -0.09 -16.40 12.42
C ASN A 74 -0.78 -15.89 11.15
N GLU A 75 -0.18 -16.24 9.99
CA GLU A 75 -0.56 -15.77 8.65
C GLU A 75 -2.01 -16.09 8.29
N GLY A 76 -2.46 -17.29 8.60
CA GLY A 76 -3.81 -17.74 8.28
C GLY A 76 -4.90 -16.97 9.01
N SER A 77 -4.76 -16.82 10.35
CA SER A 77 -5.70 -16.09 11.19
C SER A 77 -5.66 -14.58 10.82
N CYS A 78 -4.46 -14.09 10.48
CA CYS A 78 -4.26 -12.70 10.04
C CYS A 78 -5.05 -12.42 8.81
N LEU A 79 -4.89 -13.27 7.78
CA LEU A 79 -5.60 -13.13 6.53
C LEU A 79 -7.13 -13.24 6.73
N ALA A 80 -7.62 -14.16 7.56
CA ALA A 80 -9.06 -14.28 7.82
C ALA A 80 -9.63 -12.99 8.44
N PHE A 81 -8.91 -12.33 9.36
CA PHE A 81 -9.40 -11.08 9.92
C PHE A 81 -9.33 -9.94 8.87
N MET A 82 -8.31 -9.95 8.03
CA MET A 82 -8.19 -8.98 6.96
C MET A 82 -9.33 -9.09 5.94
N ARG A 83 -9.72 -10.29 5.57
CA ARG A 83 -10.80 -10.58 4.62
C ARG A 83 -12.15 -10.17 5.20
N ALA A 84 -12.39 -10.44 6.50
CA ALA A 84 -13.63 -10.09 7.18
C ALA A 84 -13.73 -8.58 7.25
N SER A 85 -12.64 -7.91 7.62
CA SER A 85 -12.64 -6.44 7.66
C SER A 85 -12.95 -5.85 6.25
N SER A 86 -12.31 -6.41 5.22
CA SER A 86 -12.48 -5.98 3.83
C SER A 86 -13.93 -6.09 3.37
N VAL A 87 -14.59 -7.25 3.60
CA VAL A 87 -15.97 -7.45 3.15
C VAL A 87 -16.92 -6.48 3.88
N LEU A 88 -16.68 -6.19 5.17
CA LEU A 88 -17.54 -5.25 5.91
C LEU A 88 -17.38 -3.82 5.39
N LYS A 89 -16.17 -3.45 4.92
CA LYS A 89 -15.88 -2.14 4.31
C LYS A 89 -16.72 -1.93 3.03
N SER A 90 -17.11 -3.03 2.33
CA SER A 90 -17.89 -2.96 1.08
C SER A 90 -19.41 -2.78 1.34
N LEU A 91 -19.90 -3.04 2.57
CA LEU A 91 -21.34 -2.98 2.86
C LEU A 91 -21.95 -1.60 2.69
N PRO A 92 -23.15 -1.50 2.11
CA PRO A 92 -23.79 -0.17 1.93
C PRO A 92 -24.65 0.25 3.14
N PHE A 93 -24.56 -0.51 4.23
CA PHE A 93 -25.32 -0.22 5.46
C PHE A 93 -24.52 -0.68 6.69
N PRO A 94 -24.75 -0.09 7.88
CA PRO A 94 -24.06 -0.59 9.08
C PRO A 94 -24.71 -1.84 9.67
N ILE A 95 -23.91 -2.81 10.16
CA ILE A 95 -24.43 -3.99 10.87
C ILE A 95 -25.02 -3.50 12.21
N THR A 96 -26.29 -3.80 12.50
CA THR A 96 -26.88 -3.36 13.78
C THR A 96 -27.41 -4.57 14.58
N SER A 97 -27.41 -5.77 13.97
CA SER A 97 -27.85 -7.02 14.60
C SER A 97 -27.14 -8.18 13.94
N MET A 98 -27.15 -9.36 14.59
CA MET A 98 -26.49 -10.55 14.03
C MET A 98 -27.16 -11.04 12.75
N LYS A 99 -28.49 -10.79 12.60
CA LYS A 99 -29.26 -11.13 11.41
C LYS A 99 -28.67 -10.45 10.16
N ASP A 100 -28.12 -9.23 10.34
CA ASP A 100 -27.49 -8.47 9.26
C ASP A 100 -26.23 -9.16 8.68
N THR A 101 -25.65 -10.13 9.40
CA THR A 101 -24.43 -10.80 8.90
C THR A 101 -24.73 -12.02 8.01
N GLU A 102 -26.01 -12.42 7.91
CA GLU A 102 -26.42 -13.58 7.12
C GLU A 102 -26.07 -13.41 5.64
N GLY A 103 -25.47 -14.45 5.07
CA GLY A 103 -25.07 -14.49 3.66
C GLY A 103 -23.83 -13.69 3.32
N ILE A 104 -23.19 -13.04 4.32
CA ILE A 104 -21.95 -12.30 4.06
C ILE A 104 -20.79 -13.29 4.13
N PRO A 105 -19.98 -13.43 3.08
CA PRO A 105 -18.85 -14.38 3.15
C PRO A 105 -17.71 -13.83 4.01
N CYS A 106 -16.72 -14.69 4.33
CA CYS A 106 -15.52 -14.38 5.13
C CYS A 106 -15.85 -14.08 6.60
N LEU A 107 -17.10 -14.36 7.05
CA LEU A 107 -17.49 -14.18 8.44
C LEU A 107 -17.79 -15.51 9.07
N GLY A 108 -16.75 -16.13 9.59
CA GLY A 108 -16.90 -17.40 10.28
C GLY A 108 -17.34 -17.20 11.71
N ASP A 109 -17.33 -18.27 12.49
CA ASP A 109 -17.76 -18.28 13.88
C ASP A 109 -16.96 -17.32 14.74
N LYS A 110 -15.61 -17.30 14.59
CA LYS A 110 -14.79 -16.41 15.42
C LYS A 110 -15.11 -14.95 15.12
N VAL A 111 -15.20 -14.59 13.84
CA VAL A 111 -15.48 -13.21 13.44
C VAL A 111 -16.91 -12.80 13.92
N LYS A 112 -17.90 -13.70 13.79
CA LYS A 112 -19.28 -13.40 14.23
C LYS A 112 -19.34 -13.18 15.75
N SER A 113 -18.48 -13.88 16.54
CA SER A 113 -18.43 -13.68 17.99
C SER A 113 -17.88 -12.28 18.30
N ILE A 114 -16.91 -11.80 17.50
CA ILE A 114 -16.35 -10.45 17.67
C ILE A 114 -17.42 -9.38 17.34
N ILE A 115 -18.16 -9.57 16.22
CA ILE A 115 -19.24 -8.68 15.82
C ILE A 115 -20.32 -8.64 16.92
N GLU A 116 -20.71 -9.82 17.47
CA GLU A 116 -21.72 -9.95 18.54
C GLU A 116 -21.31 -9.13 19.78
N GLY A 117 -20.04 -9.21 20.17
CA GLY A 117 -19.50 -8.48 21.32
C GLY A 117 -19.55 -6.98 21.14
N ILE A 118 -19.29 -6.49 19.89
CA ILE A 118 -19.31 -5.06 19.58
C ILE A 118 -20.78 -4.58 19.56
N ILE A 119 -21.73 -5.39 19.05
CA ILE A 119 -23.17 -5.07 19.04
C ILE A 119 -23.64 -4.91 20.49
N GLU A 120 -23.17 -5.79 21.40
CA GLU A 120 -23.49 -5.84 22.83
C GLU A 120 -23.25 -4.50 23.57
N ASP A 121 -22.01 -3.95 23.53
CA ASP A 121 -21.72 -2.72 24.29
C ASP A 121 -20.86 -1.68 23.53
N GLY A 122 -20.79 -1.77 22.20
CA GLY A 122 -20.03 -0.86 21.36
C GLY A 122 -18.51 -1.04 21.37
N GLU A 123 -18.01 -2.05 22.10
CA GLU A 123 -16.57 -2.33 22.21
C GLU A 123 -16.20 -3.77 21.93
N SER A 124 -14.96 -4.01 21.52
CA SER A 124 -14.43 -5.34 21.31
C SER A 124 -13.46 -5.64 22.45
N SER A 125 -13.81 -6.60 23.32
CA SER A 125 -12.93 -7.01 24.44
C SER A 125 -11.62 -7.61 23.90
N GLU A 126 -11.72 -8.34 22.77
CA GLU A 126 -10.59 -8.98 22.08
C GLU A 126 -9.61 -7.94 21.55
N ALA A 127 -10.11 -6.90 20.83
CA ALA A 127 -9.28 -5.83 20.29
C ALA A 127 -8.69 -4.96 21.43
N LYS A 128 -9.47 -4.75 22.51
CA LYS A 128 -9.06 -3.98 23.71
C LYS A 128 -7.85 -4.65 24.39
N ALA A 129 -7.87 -6.00 24.50
CA ALA A 129 -6.78 -6.77 25.08
C ALA A 129 -5.52 -6.68 24.22
N VAL A 130 -5.67 -6.61 22.88
CA VAL A 130 -4.53 -6.48 21.96
C VAL A 130 -3.90 -5.08 22.14
N LEU A 131 -4.74 -4.03 22.21
CA LEU A 131 -4.30 -2.63 22.37
C LEU A 131 -3.50 -2.41 23.67
N ASN A 132 -3.76 -3.25 24.70
CA ASN A 132 -3.09 -3.18 25.98
C ASN A 132 -1.89 -4.14 26.07
N ASP A 133 -1.72 -5.03 25.07
CA ASP A 133 -0.61 -6.01 25.05
C ASP A 133 0.73 -5.30 24.79
N GLU A 134 1.75 -5.60 25.59
CA GLU A 134 3.06 -4.95 25.48
C GLU A 134 3.77 -5.26 24.19
N ARG A 135 3.67 -6.51 23.70
CA ARG A 135 4.29 -6.92 22.44
C ARG A 135 3.66 -6.15 21.28
N TYR A 136 2.32 -6.03 21.30
CA TYR A 136 1.61 -5.33 20.25
C TYR A 136 1.97 -3.84 20.24
N LYS A 137 1.98 -3.19 21.41
CA LYS A 137 2.32 -1.77 21.54
C LYS A 137 3.77 -1.49 21.04
N SER A 138 4.72 -2.37 21.40
CA SER A 138 6.12 -2.20 20.98
C SER A 138 6.28 -2.38 19.50
N PHE A 139 5.57 -3.36 18.91
CA PHE A 139 5.64 -3.60 17.48
C PHE A 139 5.11 -2.41 16.69
N LYS A 140 3.98 -1.83 17.12
CA LYS A 140 3.39 -0.66 16.46
C LYS A 140 4.34 0.53 16.54
N LEU A 141 4.90 0.78 17.74
CA LEU A 141 5.83 1.88 17.96
C LEU A 141 7.12 1.71 17.15
N PHE A 142 7.76 0.55 17.21
CA PHE A 142 9.05 0.38 16.54
C PHE A 142 8.92 0.36 15.03
N THR A 143 7.91 -0.33 14.47
CA THR A 143 7.73 -0.37 13.02
C THR A 143 7.21 0.95 12.45
N SER A 144 6.85 1.90 13.30
CA SER A 144 6.40 3.23 12.84
C SER A 144 7.62 4.00 12.31
N VAL A 145 8.84 3.50 12.57
CA VAL A 145 10.09 4.10 12.10
C VAL A 145 10.37 3.56 10.70
N PHE A 146 10.69 4.41 9.76
CA PHE A 146 11.01 3.97 8.43
C PHE A 146 12.33 3.24 8.49
N GLY A 147 12.36 2.06 7.90
CA GLY A 147 13.53 1.19 7.92
C GLY A 147 13.43 0.11 8.97
N VAL A 148 12.39 0.12 9.82
CA VAL A 148 12.20 -0.90 10.88
C VAL A 148 10.98 -1.74 10.53
N GLY A 149 11.19 -3.02 10.28
CA GLY A 149 10.10 -3.95 9.98
C GLY A 149 9.93 -4.94 11.11
N LEU A 150 9.18 -6.01 10.85
CA LEU A 150 8.87 -7.07 11.80
C LEU A 150 10.09 -7.66 12.51
N LYS A 151 11.14 -8.04 11.76
CA LYS A 151 12.33 -8.68 12.35
C LYS A 151 13.08 -7.76 13.33
N THR A 152 13.36 -6.49 12.95
CA THR A 152 14.07 -5.54 13.81
C THR A 152 13.20 -5.15 15.03
N ALA A 153 11.90 -4.97 14.83
CA ALA A 153 10.99 -4.63 15.94
C ALA A 153 10.95 -5.76 16.98
N GLU A 154 10.89 -7.01 16.50
CA GLU A 154 10.85 -8.21 17.35
C GLU A 154 12.16 -8.34 18.11
N LYS A 155 13.29 -8.07 17.43
CA LYS A 155 14.64 -8.10 18.01
C LYS A 155 14.73 -7.10 19.16
N TRP A 156 14.35 -5.83 18.93
CA TRP A 156 14.43 -4.78 19.95
C TRP A 156 13.55 -5.07 21.16
N PHE A 157 12.35 -5.63 20.93
CA PHE A 157 11.42 -6.00 22.00
C PHE A 157 12.05 -7.08 22.88
N ARG A 158 12.61 -8.13 22.27
CA ARG A 158 13.24 -9.24 22.99
C ARG A 158 14.53 -8.80 23.70
N MET A 159 15.11 -7.65 23.31
CA MET A 159 16.29 -7.08 23.96
C MET A 159 15.88 -6.26 25.18
N GLY A 160 14.58 -5.99 25.32
CA GLY A 160 14.05 -5.24 26.44
C GLY A 160 13.78 -3.78 26.18
N PHE A 161 13.89 -3.32 24.90
CA PHE A 161 13.60 -1.92 24.57
C PHE A 161 12.10 -1.68 24.53
N ARG A 162 11.67 -0.49 25.00
CA ARG A 162 10.26 -0.14 25.01
C ARG A 162 10.03 1.27 24.45
N THR A 163 11.08 2.12 24.38
CA THR A 163 10.88 3.47 23.84
C THR A 163 11.88 3.78 22.72
N LEU A 164 11.50 4.68 21.82
CA LEU A 164 12.33 5.10 20.70
C LEU A 164 13.55 5.91 21.17
N SER A 165 13.40 6.70 22.25
CA SER A 165 14.51 7.47 22.84
C SER A 165 15.64 6.53 23.35
N LYS A 166 15.26 5.41 24.01
CA LYS A 166 16.23 4.45 24.56
C LYS A 166 16.92 3.70 23.43
N ILE A 167 16.20 3.45 22.32
CA ILE A 167 16.79 2.79 21.16
C ILE A 167 17.84 3.71 20.53
N GLN A 168 17.46 4.96 20.18
CA GLN A 168 18.31 5.94 19.51
C GLN A 168 19.60 6.28 20.26
N SER A 169 19.53 6.33 21.61
CA SER A 169 20.67 6.71 22.43
C SER A 169 21.57 5.52 22.81
N ASP A 170 21.14 4.27 22.54
CA ASP A 170 21.93 3.07 22.86
C ASP A 170 23.27 3.08 22.08
N LYS A 171 24.37 2.75 22.75
CA LYS A 171 25.70 2.81 22.11
C LYS A 171 26.13 1.50 21.46
N SER A 172 25.40 0.39 21.69
CA SER A 172 25.72 -0.91 21.10
C SER A 172 24.96 -1.16 19.78
N LEU A 173 23.75 -0.57 19.62
CA LEU A 173 22.92 -0.76 18.42
C LEU A 173 23.55 -0.09 17.19
N ARG A 174 23.39 -0.67 16.00
CA ARG A 174 23.89 -0.07 14.76
C ARG A 174 22.70 0.10 13.84
N PHE A 175 22.51 1.31 13.31
CA PHE A 175 21.35 1.62 12.48
C PHE A 175 21.68 1.66 11.01
N THR A 176 20.76 1.14 10.18
CA THR A 176 20.89 1.16 8.71
C THR A 176 20.67 2.60 8.24
N GLN A 177 21.11 2.94 7.02
CA GLN A 177 20.89 4.29 6.46
C GLN A 177 19.41 4.64 6.42
N MET A 178 18.57 3.65 6.12
CA MET A 178 17.11 3.77 6.08
C MET A 178 16.56 4.16 7.49
N GLN A 179 17.03 3.49 8.55
CA GLN A 179 16.62 3.76 9.95
C GLN A 179 17.09 5.13 10.42
N LYS A 180 18.30 5.55 10.03
CA LYS A 180 18.85 6.88 10.37
C LYS A 180 17.91 7.98 9.85
N ALA A 181 17.47 7.85 8.58
CA ALA A 181 16.51 8.74 7.94
C ALA A 181 15.15 8.62 8.65
N GLY A 182 14.75 7.40 9.00
CA GLY A 182 13.51 7.14 9.72
C GLY A 182 13.43 7.83 11.07
N PHE A 183 14.56 7.91 11.80
CA PHE A 183 14.61 8.61 13.08
C PHE A 183 14.74 10.12 12.89
N LEU A 184 15.58 10.56 11.94
CA LEU A 184 15.80 12.00 11.71
C LEU A 184 14.52 12.74 11.26
N TYR A 185 13.68 12.09 10.43
CA TYR A 185 12.44 12.67 9.87
C TYR A 185 11.18 12.02 10.45
N TYR A 186 11.30 11.41 11.63
CA TYR A 186 10.24 10.64 12.29
C TYR A 186 8.88 11.36 12.39
N GLU A 187 8.83 12.53 12.99
CA GLU A 187 7.55 13.19 13.16
C GLU A 187 6.90 13.56 11.84
N ASP A 188 7.64 14.04 10.86
CA ASP A 188 7.08 14.32 9.54
C ASP A 188 6.51 13.04 8.88
N LEU A 189 7.26 11.94 8.92
CA LEU A 189 6.84 10.68 8.28
C LEU A 189 5.66 10.03 9.00
N VAL A 190 5.56 10.18 10.33
CA VAL A 190 4.45 9.57 11.06
C VAL A 190 3.16 10.42 10.91
N SER A 191 3.27 11.72 10.58
CA SER A 191 2.12 12.61 10.41
C SER A 191 1.33 12.31 9.12
N CYS A 192 1.85 11.53 8.17
CA CYS A 192 1.14 11.17 6.93
C CYS A 192 0.87 12.39 6.02
N VAL A 193 0.75 12.07 4.78
CA VAL A 193 0.61 12.98 3.69
C VAL A 193 -0.86 13.27 3.48
N ASN A 194 -1.22 14.54 3.32
CA ASN A 194 -2.60 14.91 3.03
C ASN A 194 -2.74 15.19 1.49
N ARG A 195 -3.95 15.46 0.98
CA ARG A 195 -4.19 15.69 -0.46
C ARG A 195 -3.43 16.92 -0.98
N PRO A 196 -3.45 18.12 -0.33
CA PRO A 196 -2.66 19.25 -0.88
C PRO A 196 -1.17 18.91 -0.98
N GLU A 197 -0.61 18.13 -0.03
CA GLU A 197 0.80 17.72 -0.09
C GLU A 197 1.02 16.75 -1.25
N ALA A 198 0.13 15.75 -1.43
CA ALA A 198 0.23 14.77 -2.53
C ALA A 198 0.19 15.48 -3.85
N GLU A 199 -0.70 16.45 -4.00
CA GLU A 199 -0.81 17.27 -5.21
C GLU A 199 0.42 18.11 -5.51
N ALA A 200 1.01 18.66 -4.47
CA ALA A 200 2.26 19.42 -4.56
C ALA A 200 3.40 18.50 -4.99
N VAL A 201 3.43 17.27 -4.45
CA VAL A 201 4.45 16.28 -4.81
C VAL A 201 4.25 15.88 -6.28
N SER A 202 2.99 15.61 -6.69
CA SER A 202 2.66 15.23 -8.08
C SER A 202 3.21 16.26 -9.07
N MET A 203 3.01 17.56 -8.76
CA MET A 203 3.48 18.65 -9.60
C MET A 203 5.01 18.62 -9.73
N LEU A 204 5.73 18.43 -8.59
CA LEU A 204 7.19 18.32 -8.55
C LEU A 204 7.68 17.14 -9.38
N VAL A 205 7.07 15.94 -9.20
CA VAL A 205 7.45 14.74 -9.94
C VAL A 205 7.23 14.93 -11.44
N LYS A 206 6.01 15.36 -11.83
CA LYS A 206 5.66 15.56 -13.23
C LYS A 206 6.59 16.55 -13.88
N GLU A 207 6.82 17.71 -13.24
CA GLU A 207 7.67 18.78 -13.75
C GLU A 207 9.09 18.26 -13.96
N ALA A 208 9.68 17.51 -12.99
CA ALA A 208 11.05 16.97 -13.09
C ALA A 208 11.13 15.92 -14.19
N VAL A 209 10.18 14.97 -14.23
CA VAL A 209 10.16 13.87 -15.22
C VAL A 209 10.06 14.38 -16.67
N VAL A 210 9.07 15.24 -17.01
CA VAL A 210 8.87 15.73 -18.39
C VAL A 210 10.02 16.62 -18.84
N THR A 211 10.81 17.20 -17.88
CA THR A 211 12.01 17.99 -18.22
C THR A 211 13.04 17.09 -18.92
N PHE A 212 13.20 15.84 -18.44
CA PHE A 212 14.19 14.88 -18.95
C PHE A 212 13.61 13.85 -19.99
N LEU A 213 12.30 13.59 -19.94
CA LEU A 213 11.56 12.71 -20.87
C LEU A 213 10.24 13.39 -21.24
N PRO A 214 10.23 14.29 -22.26
CA PRO A 214 9.00 15.05 -22.55
C PRO A 214 7.75 14.24 -22.87
N ASP A 215 7.88 13.03 -23.40
CA ASP A 215 6.72 12.21 -23.76
C ASP A 215 6.28 11.28 -22.62
N ALA A 216 6.91 11.37 -21.45
CA ALA A 216 6.58 10.46 -20.36
C ALA A 216 5.17 10.66 -19.82
N LEU A 217 4.57 9.53 -19.43
CA LEU A 217 3.27 9.47 -18.82
C LEU A 217 3.51 9.20 -17.35
N VAL A 218 3.11 10.16 -16.49
CA VAL A 218 3.30 10.09 -15.04
C VAL A 218 1.94 9.94 -14.42
N THR A 219 1.76 8.90 -13.61
CA THR A 219 0.48 8.68 -12.96
C THR A 219 0.70 8.51 -11.49
N MET A 220 0.01 9.27 -10.66
CA MET A 220 0.04 9.00 -9.24
C MET A 220 -0.79 7.73 -9.01
N THR A 221 -0.24 6.79 -8.28
CA THR A 221 -0.89 5.49 -8.00
C THR A 221 -1.18 5.43 -6.50
N GLY A 222 -1.25 4.23 -5.95
CA GLY A 222 -1.50 4.03 -4.52
C GLY A 222 -2.84 4.56 -4.06
N GLY A 223 -2.91 4.86 -2.77
CA GLY A 223 -4.13 5.34 -2.12
C GLY A 223 -4.73 6.60 -2.70
N PHE A 224 -3.88 7.56 -3.10
CA PHE A 224 -4.33 8.83 -3.66
C PHE A 224 -5.08 8.63 -4.98
N ARG A 225 -4.69 7.62 -5.80
CA ARG A 225 -5.42 7.30 -7.03
C ARG A 225 -6.78 6.68 -6.69
N ARG A 226 -6.90 6.02 -5.53
CA ARG A 226 -8.15 5.40 -5.08
C ARG A 226 -9.09 6.41 -4.35
N GLY A 227 -8.70 7.69 -4.35
CA GLY A 227 -9.48 8.76 -3.74
C GLY A 227 -9.21 9.05 -2.28
N LYS A 228 -8.14 8.50 -1.71
CA LYS A 228 -7.83 8.74 -0.31
C LYS A 228 -7.43 10.18 -0.07
N MET A 229 -7.78 10.66 1.11
CA MET A 229 -7.47 11.98 1.61
C MET A 229 -6.12 11.99 2.27
N THR A 230 -5.63 10.84 2.71
CA THR A 230 -4.32 10.73 3.34
C THR A 230 -3.58 9.50 2.83
N GLY A 231 -2.31 9.42 3.14
CA GLY A 231 -1.48 8.26 2.81
C GLY A 231 -0.18 8.31 3.57
N HIS A 232 0.55 7.19 3.66
CA HIS A 232 1.85 7.18 4.36
C HIS A 232 2.97 7.69 3.44
N ASP A 233 2.68 7.65 2.12
CA ASP A 233 3.59 8.06 1.07
C ASP A 233 2.82 8.55 -0.17
N VAL A 234 3.54 8.90 -1.24
CA VAL A 234 2.98 9.28 -2.55
C VAL A 234 3.69 8.40 -3.56
N ASP A 235 2.94 7.62 -4.33
CA ASP A 235 3.49 6.69 -5.30
C ASP A 235 3.20 7.12 -6.72
N PHE A 236 4.13 6.87 -7.64
CA PHE A 236 3.99 7.25 -9.04
C PHE A 236 4.45 6.15 -9.95
N LEU A 237 3.80 6.04 -11.09
CA LEU A 237 4.17 5.14 -12.18
C LEU A 237 4.61 6.05 -13.32
N ILE A 238 5.77 5.78 -13.89
CA ILE A 238 6.30 6.55 -15.01
C ILE A 238 6.54 5.57 -16.17
N THR A 239 6.13 5.97 -17.36
CA THR A 239 6.35 5.15 -18.55
C THR A 239 6.52 6.09 -19.75
N SER A 240 7.15 5.61 -20.82
CA SER A 240 7.35 6.44 -22.01
C SER A 240 7.15 5.61 -23.28
N PRO A 241 6.26 6.06 -24.20
CA PRO A 241 6.04 5.28 -25.43
C PRO A 241 7.20 5.28 -26.41
N GLU A 242 8.06 6.31 -26.42
CA GLU A 242 9.13 6.37 -27.40
C GLU A 242 10.55 6.26 -26.81
N ALA A 243 10.72 6.30 -25.45
CA ALA A 243 12.06 6.26 -24.86
C ALA A 243 12.82 5.00 -25.25
N THR A 244 14.14 5.15 -25.47
CA THR A 244 15.06 4.02 -25.76
C THR A 244 15.27 3.24 -24.45
N GLU A 245 15.96 2.09 -24.51
CA GLU A 245 16.23 1.27 -23.31
C GLU A 245 17.10 2.08 -22.35
N ASP A 246 18.08 2.86 -22.88
CA ASP A 246 18.98 3.68 -22.09
C ASP A 246 18.25 4.86 -21.46
N GLU A 247 17.40 5.57 -22.23
CA GLU A 247 16.61 6.71 -21.76
C GLU A 247 15.70 6.27 -20.61
N GLU A 248 15.06 5.11 -20.77
CA GLU A 248 14.14 4.54 -19.78
C GLU A 248 14.87 4.20 -18.50
N GLN A 249 16.07 3.67 -18.60
CA GLN A 249 16.89 3.28 -17.46
C GLN A 249 17.43 4.53 -16.71
N GLN A 250 17.81 5.58 -17.45
CA GLN A 250 18.44 6.78 -16.89
C GLN A 250 17.47 7.80 -16.26
N LEU A 251 16.19 7.79 -16.60
CA LEU A 251 15.24 8.80 -16.12
C LEU A 251 15.27 8.98 -14.58
N LEU A 252 15.14 7.88 -13.80
CA LEU A 252 15.12 7.98 -12.33
C LEU A 252 16.43 8.56 -11.79
N HIS A 253 17.57 8.24 -12.44
CA HIS A 253 18.89 8.77 -12.05
C HIS A 253 18.97 10.28 -12.36
N LYS A 254 18.47 10.72 -13.51
CA LYS A 254 18.48 12.13 -13.90
C LYS A 254 17.60 12.97 -12.97
N VAL A 255 16.38 12.48 -12.68
CA VAL A 255 15.40 13.18 -11.84
C VAL A 255 15.92 13.29 -10.39
N THR A 256 16.49 12.21 -9.83
CA THR A 256 16.99 12.23 -8.44
C THR A 256 18.29 13.04 -8.34
N ASP A 257 19.17 13.03 -9.37
CA ASP A 257 20.38 13.88 -9.41
C ASP A 257 19.99 15.35 -9.41
N PHE A 258 18.95 15.67 -10.15
CA PHE A 258 18.42 17.00 -10.23
C PHE A 258 17.90 17.52 -8.90
N TRP A 259 17.18 16.68 -8.17
CA TRP A 259 16.69 17.00 -6.82
C TRP A 259 17.85 17.06 -5.81
N LYS A 260 18.86 16.19 -5.96
CA LYS A 260 20.06 16.16 -5.11
C LYS A 260 20.83 17.48 -5.27
N GLN A 261 20.93 18.01 -6.52
CA GLN A 261 21.57 19.30 -6.81
C GLN A 261 20.85 20.45 -6.08
N GLN A 262 19.55 20.32 -5.84
CA GLN A 262 18.71 21.32 -5.18
C GLN A 262 18.61 21.14 -3.69
N GLY A 263 19.20 20.05 -3.19
CA GLY A 263 19.16 19.70 -1.77
C GLY A 263 17.78 19.27 -1.32
N LEU A 264 17.00 18.65 -2.23
CA LEU A 264 15.63 18.20 -1.93
C LEU A 264 15.56 16.70 -1.65
N LEU A 265 16.64 16.01 -1.95
CA LEU A 265 16.72 14.57 -1.78
C LEU A 265 17.27 14.25 -0.36
N LEU A 266 16.37 13.87 0.54
CA LEU A 266 16.71 13.55 1.93
C LEU A 266 17.11 12.08 2.09
N TYR A 267 16.58 11.22 1.26
CA TYR A 267 16.87 9.79 1.23
C TYR A 267 16.60 9.32 -0.16
N CYS A 268 17.45 8.44 -0.68
CA CYS A 268 17.27 7.91 -2.03
C CYS A 268 17.86 6.55 -2.09
N ASP A 269 17.09 5.59 -2.58
CA ASP A 269 17.50 4.22 -2.84
C ASP A 269 16.91 3.83 -4.19
N ILE A 270 17.75 3.66 -5.22
CA ILE A 270 17.29 3.26 -6.56
C ILE A 270 17.56 1.78 -6.73
N LEU A 271 16.51 1.01 -7.01
CA LEU A 271 16.58 -0.42 -7.26
C LEU A 271 16.50 -0.62 -8.75
N GLU A 272 17.56 -1.17 -9.34
CA GLU A 272 17.63 -1.40 -10.77
C GLU A 272 16.64 -2.48 -11.15
N SER A 273 16.14 -2.40 -12.37
CA SER A 273 15.20 -3.37 -12.90
C SER A 273 15.85 -4.76 -13.02
N THR A 274 15.09 -5.79 -12.70
CA THR A 274 15.49 -7.18 -12.88
C THR A 274 14.44 -7.81 -13.81
N PHE A 275 13.64 -6.93 -14.48
CA PHE A 275 12.56 -7.30 -15.39
C PHE A 275 13.06 -8.16 -16.53
N GLU A 276 12.36 -9.28 -16.73
CA GLU A 276 12.58 -10.25 -17.77
C GLU A 276 11.27 -10.40 -18.52
N LYS A 277 11.26 -9.99 -19.79
CA LYS A 277 10.11 -10.02 -20.69
C LYS A 277 9.39 -11.39 -20.76
N PHE A 278 10.13 -12.52 -20.63
CA PHE A 278 9.60 -13.89 -20.76
C PHE A 278 9.37 -14.65 -19.41
N LYS A 279 9.41 -13.94 -18.25
CA LYS A 279 9.18 -14.44 -16.88
C LYS A 279 10.12 -15.59 -16.50
N ALA A 287 7.93 -9.93 -1.44
CA ALA A 287 8.82 -9.65 -2.56
C ALA A 287 8.27 -8.52 -3.45
N LEU A 288 9.17 -7.64 -3.90
CA LEU A 288 8.85 -6.51 -4.76
C LEU A 288 8.81 -6.93 -6.23
N ASP A 289 8.11 -6.18 -7.06
CA ASP A 289 8.11 -6.44 -8.48
C ASP A 289 9.47 -6.12 -9.06
N HIS A 290 9.69 -6.51 -10.28
CA HIS A 290 11.01 -6.46 -10.88
C HIS A 290 11.30 -5.16 -11.64
N PHE A 291 10.36 -4.18 -11.63
CA PHE A 291 10.59 -2.92 -12.35
C PHE A 291 11.56 -2.03 -11.61
N GLN A 292 12.27 -1.17 -12.35
CA GLN A 292 13.16 -0.18 -11.76
C GLN A 292 12.33 0.74 -10.87
N LYS A 293 12.79 1.01 -9.66
CA LYS A 293 12.05 1.83 -8.74
C LYS A 293 12.97 2.55 -7.79
N CYS A 294 12.45 3.57 -7.11
CA CYS A 294 13.22 4.27 -6.11
C CYS A 294 12.33 4.66 -4.97
N PHE A 295 12.86 4.45 -3.76
CA PHE A 295 12.23 4.80 -2.50
C PHE A 295 12.90 6.04 -2.04
N LEU A 296 12.13 7.12 -1.94
CA LEU A 296 12.68 8.42 -1.61
C LEU A 296 12.04 9.06 -0.43
N ILE A 297 12.73 10.05 0.11
CA ILE A 297 12.26 11.01 1.09
C ILE A 297 12.60 12.35 0.46
N LEU A 298 11.59 13.15 0.18
CA LEU A 298 11.79 14.45 -0.45
C LEU A 298 11.51 15.56 0.52
N LYS A 299 12.23 16.67 0.36
CA LYS A 299 12.04 17.88 1.12
C LYS A 299 10.95 18.69 0.39
N LEU A 300 9.76 18.75 0.99
CA LEU A 300 8.64 19.46 0.37
C LEU A 300 8.46 20.82 1.04
N ASP A 301 8.90 21.89 0.33
CA ASP A 301 8.82 23.27 0.80
C ASP A 301 7.35 23.64 0.97
N HIS A 302 7.01 24.32 2.09
CA HIS A 302 5.64 24.72 2.43
C HIS A 302 5.02 25.64 1.35
N GLY A 303 5.84 26.46 0.69
CA GLY A 303 5.39 27.36 -0.39
C GLY A 303 4.80 26.64 -1.59
N ARG A 304 5.14 25.35 -1.77
CA ARG A 304 4.65 24.52 -2.88
C ARG A 304 3.27 23.91 -2.59
N VAL A 305 2.87 23.88 -1.31
CA VAL A 305 1.60 23.29 -0.86
C VAL A 305 0.49 24.35 -0.83
N HIS A 306 -0.60 24.10 -1.58
CA HIS A 306 -1.73 25.03 -1.63
C HIS A 306 -2.88 24.41 -0.83
N SER A 307 -2.86 24.67 0.48
CA SER A 307 -3.85 24.13 1.42
C SER A 307 -4.70 25.23 2.04
N GLU A 314 4.93 28.86 10.34
CA GLU A 314 4.94 27.60 9.59
C GLU A 314 5.68 26.51 10.38
N GLY A 315 6.86 26.84 10.90
CA GLY A 315 7.81 25.95 11.57
C GLY A 315 9.13 26.01 10.83
N LYS A 316 9.71 24.83 10.47
CA LYS A 316 10.98 24.76 9.71
C LYS A 316 10.79 25.20 8.23
N GLY A 317 9.54 25.27 7.75
CA GLY A 317 9.25 25.69 6.39
C GLY A 317 9.17 24.60 5.36
N TRP A 318 9.30 23.32 5.79
CA TRP A 318 9.26 22.17 4.88
C TRP A 318 8.81 20.91 5.62
N LYS A 319 8.44 19.87 4.87
CA LYS A 319 8.01 18.59 5.40
C LYS A 319 8.66 17.46 4.64
N ALA A 320 9.18 16.44 5.38
CA ALA A 320 9.74 15.24 4.77
C ALA A 320 8.61 14.36 4.30
N ILE A 321 8.66 13.91 3.04
CA ILE A 321 7.61 13.11 2.43
C ILE A 321 8.20 11.87 1.80
N ARG A 322 7.63 10.71 2.10
CA ARG A 322 8.01 9.46 1.47
C ARG A 322 7.41 9.40 0.05
N VAL A 323 8.25 9.19 -0.96
CA VAL A 323 7.82 9.13 -2.35
C VAL A 323 8.38 7.86 -3.00
N ASP A 324 7.56 7.10 -3.74
CA ASP A 324 8.05 5.95 -4.49
C ASP A 324 7.81 6.17 -5.96
N LEU A 325 8.84 5.99 -6.77
CA LEU A 325 8.71 6.14 -8.22
C LEU A 325 8.99 4.81 -8.86
N VAL A 326 8.14 4.40 -9.81
CA VAL A 326 8.30 3.14 -10.54
C VAL A 326 8.36 3.45 -12.01
N MET A 327 9.36 2.91 -12.71
CA MET A 327 9.52 3.07 -14.16
C MET A 327 9.25 1.73 -14.79
N CYS A 328 8.35 1.66 -15.74
CA CYS A 328 8.08 0.38 -16.36
C CYS A 328 8.16 0.50 -17.87
N PRO A 329 8.45 -0.61 -18.58
CA PRO A 329 8.41 -0.56 -20.06
C PRO A 329 6.99 -0.25 -20.49
N TYR A 330 6.85 0.49 -21.58
CA TYR A 330 5.58 0.96 -22.07
C TYR A 330 4.54 -0.16 -22.22
N ASP A 331 4.91 -1.33 -22.74
CA ASP A 331 3.97 -2.43 -22.98
C ASP A 331 3.44 -3.10 -21.69
N ARG A 332 4.09 -2.86 -20.51
CA ARG A 332 3.64 -3.44 -19.25
C ARG A 332 2.88 -2.44 -18.39
N ARG A 333 2.66 -1.21 -18.91
CA ARG A 333 2.06 -0.10 -18.15
C ARG A 333 0.72 -0.44 -17.48
N ALA A 334 -0.13 -1.23 -18.13
CA ALA A 334 -1.45 -1.55 -17.55
C ALA A 334 -1.30 -2.50 -16.35
N PHE A 335 -0.37 -3.46 -16.44
CA PHE A 335 -0.17 -4.40 -15.34
C PHE A 335 0.44 -3.71 -14.13
N ALA A 336 1.39 -2.79 -14.39
CA ALA A 336 2.07 -2.01 -13.34
C ALA A 336 1.09 -1.08 -12.65
N LEU A 337 0.27 -0.36 -13.44
CA LEU A 337 -0.75 0.55 -12.92
C LEU A 337 -1.73 -0.21 -12.02
N LEU A 338 -2.22 -1.35 -12.51
CA LEU A 338 -3.13 -2.20 -11.74
C LEU A 338 -2.51 -2.64 -10.43
N GLY A 339 -1.26 -3.12 -10.47
CA GLY A 339 -0.55 -3.57 -9.27
C GLY A 339 -0.23 -2.47 -8.28
N TRP A 340 0.12 -1.27 -8.77
CA TRP A 340 0.49 -0.17 -7.89
C TRP A 340 -0.68 0.65 -7.41
N THR A 341 -1.88 0.47 -7.99
CA THR A 341 -3.05 1.23 -7.55
C THR A 341 -3.56 0.67 -6.21
N GLY A 342 -3.47 -0.63 -6.04
CA GLY A 342 -3.95 -1.30 -4.84
C GLY A 342 -5.47 -1.35 -4.77
N SER A 343 -6.05 -1.48 -3.58
CA SER A 343 -5.41 -1.62 -2.26
C SER A 343 -4.67 -2.97 -2.18
N ARG A 344 -3.89 -3.21 -1.09
CA ARG A 344 -3.21 -4.49 -0.89
C ARG A 344 -4.24 -5.67 -0.93
N GLN A 345 -5.41 -5.53 -0.29
CA GLN A 345 -6.41 -6.61 -0.25
C GLN A 345 -7.01 -6.85 -1.65
N PHE A 346 -7.23 -5.77 -2.40
CA PHE A 346 -7.73 -5.87 -3.76
C PHE A 346 -6.72 -6.65 -4.64
N GLU A 347 -5.42 -6.33 -4.54
CA GLU A 347 -4.34 -7.00 -5.30
C GLU A 347 -4.26 -8.49 -4.98
N ARG A 348 -4.26 -8.84 -3.67
CA ARG A 348 -4.22 -10.24 -3.19
C ARG A 348 -5.38 -11.03 -3.83
N ASP A 349 -6.61 -10.47 -3.78
CA ASP A 349 -7.78 -11.18 -4.27
C ASP A 349 -7.81 -11.27 -5.78
N LEU A 350 -7.29 -10.25 -6.49
CA LEU A 350 -7.17 -10.28 -7.95
C LEU A 350 -6.35 -11.50 -8.36
N ARG A 351 -5.19 -11.65 -7.70
CA ARG A 351 -4.25 -12.75 -7.97
C ARG A 351 -4.86 -14.11 -7.53
N ARG A 352 -5.55 -14.15 -6.41
CA ARG A 352 -6.20 -15.37 -5.89
C ARG A 352 -7.35 -15.80 -6.82
N TYR A 353 -8.14 -14.84 -7.30
CA TYR A 353 -9.22 -15.08 -8.26
C TYR A 353 -8.61 -15.61 -9.57
N ALA A 354 -7.58 -14.93 -10.10
CA ALA A 354 -6.91 -15.40 -11.32
C ALA A 354 -6.47 -16.88 -11.20
N THR A 355 -5.83 -17.24 -10.09
CA THR A 355 -5.31 -18.59 -9.86
C THR A 355 -6.44 -19.65 -9.70
N HIS A 356 -7.34 -19.44 -8.73
CA HIS A 356 -8.35 -20.39 -8.34
C HIS A 356 -9.57 -20.43 -9.24
N GLU A 357 -9.97 -19.30 -9.81
CA GLU A 357 -11.16 -19.29 -10.66
C GLU A 357 -10.88 -19.36 -12.15
N ARG A 358 -9.73 -18.86 -12.62
CA ARG A 358 -9.43 -18.80 -14.06
C ARG A 358 -8.21 -19.59 -14.50
N LYS A 359 -7.47 -20.23 -13.57
CA LYS A 359 -6.22 -20.95 -13.85
C LYS A 359 -5.24 -20.01 -14.62
N MET A 360 -5.17 -18.76 -14.15
CA MET A 360 -4.31 -17.71 -14.68
C MET A 360 -3.33 -17.25 -13.60
N MET A 361 -2.22 -16.66 -14.03
CA MET A 361 -1.19 -16.16 -13.15
C MET A 361 -1.01 -14.67 -13.41
N LEU A 362 -1.34 -13.84 -12.43
CA LEU A 362 -1.24 -12.41 -12.55
C LEU A 362 -0.20 -11.85 -11.60
N ASP A 363 0.53 -10.83 -12.06
CA ASP A 363 1.48 -10.05 -11.26
C ASP A 363 1.57 -8.63 -11.84
N ASN A 364 2.45 -7.78 -11.31
CA ASN A 364 2.62 -6.40 -11.77
C ASN A 364 3.17 -6.28 -13.16
N HIS A 365 3.68 -7.38 -13.76
CA HIS A 365 4.29 -7.30 -15.09
C HIS A 365 3.46 -7.98 -16.18
N ALA A 366 2.62 -8.96 -15.82
CA ALA A 366 1.96 -9.77 -16.86
C ALA A 366 0.81 -10.61 -16.35
N LEU A 367 0.06 -11.21 -17.29
CA LEU A 367 -1.04 -12.14 -17.06
C LEU A 367 -0.85 -13.35 -17.96
N TYR A 368 -0.69 -14.53 -17.36
CA TYR A 368 -0.44 -15.75 -18.09
C TYR A 368 -1.60 -16.71 -17.93
N ASP A 369 -2.05 -17.27 -19.05
CA ASP A 369 -3.14 -18.24 -19.13
C ASP A 369 -2.52 -19.63 -19.19
N ARG A 370 -2.63 -20.42 -18.10
CA ARG A 370 -2.03 -21.76 -18.04
C ARG A 370 -2.71 -22.77 -18.96
N THR A 371 -4.00 -22.58 -19.28
CA THR A 371 -4.73 -23.51 -20.15
C THR A 371 -4.37 -23.26 -21.61
N LYS A 372 -4.41 -21.98 -22.04
CA LYS A 372 -4.11 -21.59 -23.41
C LYS A 372 -2.59 -21.53 -23.64
N ARG A 373 -1.79 -21.52 -22.55
CA ARG A 373 -0.32 -21.47 -22.56
C ARG A 373 0.16 -20.22 -23.28
N VAL A 374 -0.50 -19.08 -23.01
CA VAL A 374 -0.21 -17.80 -23.65
C VAL A 374 -0.26 -16.68 -22.62
N PHE A 375 0.59 -15.67 -22.84
CA PHE A 375 0.55 -14.44 -22.07
C PHE A 375 -0.55 -13.58 -22.67
N LEU A 376 -1.30 -12.90 -21.84
CA LEU A 376 -2.39 -12.07 -22.32
C LEU A 376 -1.96 -10.61 -22.26
N GLU A 377 -2.00 -9.91 -23.40
CA GLU A 377 -1.57 -8.50 -23.44
C GLU A 377 -2.74 -7.55 -23.12
N ALA A 378 -2.41 -6.36 -22.60
CA ALA A 378 -3.40 -5.35 -22.23
C ALA A 378 -2.82 -3.97 -22.35
N GLU A 379 -3.58 -3.04 -22.91
CA GLU A 379 -3.19 -1.64 -23.06
C GLU A 379 -3.81 -0.77 -21.97
N SER A 380 -4.74 -1.34 -21.18
CA SER A 380 -5.46 -0.64 -20.11
C SER A 380 -5.84 -1.61 -19.00
N GLU A 381 -6.24 -1.09 -17.82
CA GLU A 381 -6.71 -1.93 -16.72
C GLU A 381 -7.99 -2.64 -17.09
N GLU A 382 -8.88 -1.95 -17.84
CA GLU A 382 -10.16 -2.49 -18.33
C GLU A 382 -9.93 -3.81 -19.09
N GLU A 383 -8.90 -3.85 -19.95
CA GLU A 383 -8.57 -5.05 -20.72
C GLU A 383 -8.07 -6.21 -19.81
N ILE A 384 -7.42 -5.89 -18.66
CA ILE A 384 -6.97 -6.92 -17.72
C ILE A 384 -8.20 -7.51 -17.06
N PHE A 385 -9.11 -6.66 -16.57
CA PHE A 385 -10.36 -7.11 -15.96
C PHE A 385 -11.14 -7.98 -16.94
N ALA A 386 -11.22 -7.57 -18.23
CA ALA A 386 -11.96 -8.34 -19.25
C ALA A 386 -11.29 -9.71 -19.49
N HIS A 387 -9.93 -9.79 -19.48
CA HIS A 387 -9.24 -11.08 -19.64
C HIS A 387 -9.58 -12.04 -18.50
N LEU A 388 -9.76 -11.49 -17.28
CA LEU A 388 -10.07 -12.26 -16.08
C LEU A 388 -11.54 -12.63 -15.95
N GLY A 389 -12.40 -12.09 -16.81
CA GLY A 389 -13.84 -12.30 -16.76
C GLY A 389 -14.49 -11.56 -15.60
N LEU A 390 -13.90 -10.41 -15.22
CA LEU A 390 -14.39 -9.57 -14.12
C LEU A 390 -15.01 -8.28 -14.63
N ASP A 391 -16.09 -7.83 -13.97
CA ASP A 391 -16.65 -6.49 -14.27
C ASP A 391 -15.62 -5.49 -13.82
N TYR A 392 -15.45 -4.42 -14.58
CA TYR A 392 -14.45 -3.41 -14.26
C TYR A 392 -14.77 -2.71 -12.94
N ILE A 393 -13.76 -2.62 -12.07
CA ILE A 393 -13.86 -1.93 -10.78
C ILE A 393 -13.04 -0.65 -10.92
N GLU A 394 -13.67 0.51 -10.75
CA GLU A 394 -13.00 1.82 -10.83
C GLU A 394 -11.94 1.95 -9.73
N PRO A 395 -10.85 2.73 -9.92
CA PRO A 395 -9.82 2.84 -8.85
C PRO A 395 -10.38 3.25 -7.48
N TRP A 396 -11.33 4.20 -7.43
CA TRP A 396 -11.93 4.68 -6.18
C TRP A 396 -12.86 3.61 -5.56
N GLU A 397 -13.10 2.48 -6.27
CA GLU A 397 -13.90 1.35 -5.79
C GLU A 397 -12.99 0.17 -5.37
N ARG A 398 -11.68 0.39 -5.31
CA ARG A 398 -10.73 -0.67 -4.96
C ARG A 398 -10.19 -0.50 -3.53
N ASN A 399 -10.92 0.19 -2.66
CA ASN A 399 -10.46 0.42 -1.29
C ASN A 399 -10.81 -0.75 -0.34
N ALA A 400 -10.56 -1.96 -0.80
CA ALA A 400 -10.82 -3.20 -0.04
C ALA A 400 -9.92 -3.31 1.22
MG MG E . 1.03 4.68 -0.90
MG MG F . 4.66 2.81 -1.46
NA NA G . 8.90 0.62 9.55
N1 DCT H . 0.91 -3.16 -2.64
C2 DCT H . 0.54 -4.46 -2.68
N3 DCT H . 0.83 -5.24 -1.65
C4 DCT H . 1.43 -4.81 -0.51
C5 DCT H . 1.79 -3.42 -0.42
C6 DCT H . 1.54 -2.62 -1.50
O2 DCT H . 0.01 -4.94 -3.69
N4 DCT H . 1.71 -5.68 0.54
C1' DCT H . 0.68 -2.36 -3.83
C2' DCT H . -0.74 -1.81 -3.90
C3' DCT H . -0.51 -0.44 -3.27
C4' DCT H . 0.86 -0.05 -3.77
O4' DCT H . 1.62 -1.26 -3.90
C5' DCT H . 1.36 1.01 -2.81
O5' DCT H . 1.78 0.51 -1.58
PA DCT H . 1.41 1.45 -0.33
O1A DCT H . 1.87 0.82 0.97
O2A DCT H . 2.02 2.84 -0.62
O3A DCT H . -0.16 1.44 -0.49
PB DCT H . -1.29 2.54 -0.35
O1B DCT H . -2.46 1.90 -0.94
O2B DCT H . -0.77 3.72 -1.29
O3B DCT H . -1.59 3.09 1.09
PG DCT H . -0.98 4.39 1.78
O1G DCT H . -0.80 4.06 3.27
O2G DCT H . 0.30 4.79 1.07
O3G DCT H . -2.23 5.36 1.41
#